data_6LF2
#
_entry.id   6LF2
#
_cell.length_a   61.590
_cell.length_b   61.590
_cell.length_c   136.783
_cell.angle_alpha   90.000
_cell.angle_beta   90.000
_cell.angle_gamma   90.000
#
_symmetry.space_group_name_H-M   'P 41 21 2'
#
loop_
_entity.id
_entity.type
_entity.pdbx_description
1 polymer SeviL
2 branched beta-D-galactopyranose-(1-3)-2-acetamido-2-deoxy-beta-D-galactopyranose-(1-4)-beta-D-galactopyranose-(1-4)-beta-D-glucopyranose
3 water water
#
_entity_poly.entity_id   1
_entity_poly.type   'polypeptide(L)'
_entity_poly.pdbx_seq_one_letter_code
;GSHMSSVTIGKCYIQNRENGGRAFYNLGRKDLGIFTGKMYDDQIWSFQKSDTPGYYTIGRESKFLQYNGEQVIMSDIEQD
TTLWSLEEVPEDKGFYRLLNKVHKAYLDYNGGDLVANKHQTESEKWILFKAY
;
_entity_poly.pdbx_strand_id   A,B
#
# COMPACT_ATOMS: atom_id res chain seq x y z
N THR A 8 5.92 -4.39 11.23
CA THR A 8 5.93 -5.40 10.19
C THR A 8 5.16 -6.65 10.64
N ILE A 9 4.80 -6.69 11.92
CA ILE A 9 4.19 -7.87 12.53
C ILE A 9 2.73 -7.58 12.83
N GLY A 10 1.86 -8.55 12.53
CA GLY A 10 0.43 -8.39 12.72
C GLY A 10 -0.32 -8.33 11.40
N LYS A 11 -1.42 -7.60 11.38
CA LYS A 11 -2.27 -7.55 10.19
C LYS A 11 -1.63 -6.71 9.10
N CYS A 12 -1.58 -7.25 7.88
CA CYS A 12 -0.92 -6.55 6.79
C CYS A 12 -1.55 -6.91 5.45
N TYR A 13 -1.26 -6.08 4.46
CA TYR A 13 -1.48 -6.41 3.06
C TYR A 13 -0.15 -6.84 2.47
N ILE A 14 -0.20 -7.73 1.48
CA ILE A 14 0.99 -8.28 0.84
C ILE A 14 0.87 -8.01 -0.65
N GLN A 15 1.61 -7.01 -1.13
CA GLN A 15 1.39 -6.39 -2.44
C GLN A 15 2.62 -6.51 -3.31
N ASN A 16 2.40 -6.80 -4.59
CA ASN A 16 3.49 -7.09 -5.50
C ASN A 16 3.95 -5.82 -6.19
N ARG A 17 5.28 -5.63 -6.24
CA ARG A 17 5.86 -4.44 -6.88
C ARG A 17 5.53 -4.38 -8.36
N GLU A 18 5.51 -5.52 -9.03
CA GLU A 18 5.50 -5.53 -10.49
C GLU A 18 4.14 -5.15 -11.06
N ASN A 19 3.05 -5.47 -10.35
CA ASN A 19 1.72 -5.24 -10.89
C ASN A 19 0.76 -4.61 -9.89
N GLY A 20 1.18 -4.34 -8.65
CA GLY A 20 0.31 -3.78 -7.65
C GLY A 20 -0.76 -4.72 -7.11
N GLY A 21 -0.71 -6.00 -7.51
CA GLY A 21 -1.69 -6.96 -7.03
C GLY A 21 -1.42 -7.41 -5.61
N ARG A 22 -2.48 -7.83 -4.92
CA ARG A 22 -2.38 -8.26 -3.53
C ARG A 22 -2.80 -9.71 -3.35
N ALA A 23 -2.02 -10.44 -2.57
CA ALA A 23 -2.39 -11.81 -2.21
C ALA A 23 -3.69 -11.80 -1.40
N PHE A 24 -4.52 -12.82 -1.62
CA PHE A 24 -5.76 -12.95 -0.86
C PHE A 24 -6.09 -14.42 -0.65
N TYR A 25 -6.93 -14.68 0.34
CA TYR A 25 -7.52 -16.01 0.52
C TYR A 25 -8.94 -15.84 1.01
N ASN A 26 -9.89 -16.41 0.27
CA ASN A 26 -11.32 -16.30 0.59
C ASN A 26 -11.79 -17.69 0.97
N LEU A 27 -12.12 -17.89 2.26
CA LEU A 27 -12.45 -19.24 2.73
C LEU A 27 -13.73 -19.75 2.09
N GLY A 28 -14.75 -18.90 1.99
CA GLY A 28 -16.03 -19.37 1.46
C GLY A 28 -15.93 -19.89 0.04
N ARG A 29 -15.09 -19.27 -0.78
CA ARG A 29 -14.89 -19.70 -2.15
C ARG A 29 -13.74 -20.70 -2.31
N LYS A 30 -13.00 -20.98 -1.24
CA LYS A 30 -11.79 -21.80 -1.31
C LYS A 30 -10.84 -21.26 -2.37
N ASP A 31 -10.66 -19.93 -2.35
CA ASP A 31 -9.99 -19.20 -3.42
C ASP A 31 -8.76 -18.49 -2.85
N LEU A 32 -7.58 -18.96 -3.24
CA LEU A 32 -6.30 -18.37 -2.90
C LEU A 32 -5.67 -17.81 -4.17
N GLY A 33 -5.19 -16.57 -4.13
CA GLY A 33 -4.62 -16.01 -5.34
C GLY A 33 -4.08 -14.61 -5.14
N ILE A 34 -3.92 -13.91 -6.26
CA ILE A 34 -3.48 -12.52 -6.25
C ILE A 34 -4.51 -11.73 -7.05
N PHE A 35 -4.79 -10.51 -6.61
CA PHE A 35 -5.89 -9.74 -7.17
C PHE A 35 -5.48 -8.29 -7.40
N THR A 36 -5.84 -7.75 -8.56
CA THR A 36 -5.68 -6.33 -8.83
C THR A 36 -7.04 -5.65 -8.74
N GLY A 37 -7.06 -4.54 -8.03
CA GLY A 37 -8.28 -3.76 -7.91
C GLY A 37 -8.58 -3.38 -6.48
N LYS A 38 -9.87 -3.43 -6.14
CA LYS A 38 -10.35 -2.98 -4.84
C LYS A 38 -9.66 -3.74 -3.70
N MET A 39 -9.47 -3.03 -2.57
CA MET A 39 -8.80 -3.60 -1.40
C MET A 39 -9.82 -4.25 -0.48
N TYR A 40 -10.20 -5.48 -0.83
CA TYR A 40 -11.18 -6.26 -0.05
C TYR A 40 -10.54 -6.82 1.21
N ASP A 41 -11.39 -7.14 2.19
CA ASP A 41 -10.87 -7.58 3.49
C ASP A 41 -10.26 -8.98 3.42
N ASP A 42 -10.55 -9.78 2.38
CA ASP A 42 -9.86 -11.06 2.29
C ASP A 42 -8.40 -10.90 1.82
N GLN A 43 -7.91 -9.68 1.71
CA GLN A 43 -6.51 -9.40 1.42
C GLN A 43 -5.71 -9.06 2.67
N ILE A 44 -6.30 -9.14 3.86
CA ILE A 44 -5.61 -8.81 5.10
C ILE A 44 -5.05 -10.10 5.72
N TRP A 45 -3.73 -10.16 5.81
CA TRP A 45 -3.03 -11.33 6.33
C TRP A 45 -2.51 -11.06 7.74
N SER A 46 -2.21 -12.14 8.44
CA SER A 46 -1.55 -12.06 9.74
C SER A 46 -0.11 -12.54 9.56
N PHE A 47 0.84 -11.63 9.67
CA PHE A 47 2.25 -11.94 9.48
C PHE A 47 2.85 -12.07 10.87
N GLN A 48 3.28 -13.29 11.24
CA GLN A 48 3.67 -13.60 12.60
C GLN A 48 5.01 -14.30 12.63
N LYS A 49 5.77 -14.05 13.70
CA LYS A 49 6.94 -14.89 13.95
C LYS A 49 6.48 -16.32 14.18
N SER A 50 7.17 -17.27 13.56
CA SER A 50 6.78 -18.66 13.72
C SER A 50 7.38 -19.25 14.99
N ASP A 51 6.99 -20.49 15.29
CA ASP A 51 7.62 -21.21 16.39
C ASP A 51 9.10 -21.48 16.11
N THR A 52 9.49 -21.52 14.85
CA THR A 52 10.87 -21.75 14.47
C THR A 52 11.59 -20.40 14.33
N PRO A 53 12.61 -20.11 15.12
CA PRO A 53 13.29 -18.81 15.02
C PRO A 53 13.84 -18.57 13.63
N GLY A 54 13.75 -17.30 13.18
CA GLY A 54 14.23 -16.89 11.87
C GLY A 54 13.18 -16.87 10.78
N TYR A 55 12.02 -17.48 11.02
CA TYR A 55 11.02 -17.65 9.97
C TYR A 55 9.68 -17.14 10.46
N TYR A 56 8.81 -16.85 9.51
CA TYR A 56 7.51 -16.27 9.77
C TYR A 56 6.44 -17.14 9.14
N THR A 57 5.22 -17.03 9.69
CA THR A 57 4.06 -17.60 9.03
C THR A 57 3.22 -16.48 8.43
N ILE A 58 2.49 -16.82 7.38
CA ILE A 58 1.63 -15.90 6.64
C ILE A 58 0.23 -16.47 6.75
N GLY A 59 -0.61 -15.87 7.59
CA GLY A 59 -1.86 -16.48 8.01
C GLY A 59 -3.10 -15.78 7.48
N ARG A 60 -4.11 -16.55 7.11
CA ARG A 60 -5.45 -16.04 6.82
C ARG A 60 -6.48 -17.13 7.08
N GLU A 61 -7.66 -16.72 7.54
CA GLU A 61 -8.79 -17.64 7.76
C GLU A 61 -8.37 -18.80 8.68
N SER A 62 -7.49 -18.50 9.64
CA SER A 62 -6.99 -19.45 10.64
C SER A 62 -6.14 -20.57 10.03
N LYS A 63 -5.67 -20.37 8.81
CA LYS A 63 -4.80 -21.28 8.07
C LYS A 63 -3.47 -20.57 7.79
N PHE A 64 -2.53 -21.30 7.21
CA PHE A 64 -1.18 -20.80 7.01
C PHE A 64 -0.75 -21.03 5.57
N LEU A 65 -0.18 -20.01 4.93
CA LEU A 65 0.33 -20.17 3.57
C LEU A 65 1.47 -21.17 3.55
N GLN A 66 1.42 -22.14 2.62
CA GLN A 66 2.47 -23.13 2.47
C GLN A 66 2.83 -23.33 1.00
N TYR A 67 4.01 -23.92 0.76
CA TYR A 67 4.37 -24.44 -0.54
C TYR A 67 4.65 -25.92 -0.38
N ASN A 68 3.96 -26.77 -1.15
CA ASN A 68 4.08 -28.22 -1.02
C ASN A 68 5.09 -28.82 -1.99
N GLY A 69 5.85 -27.99 -2.69
CA GLY A 69 6.78 -28.45 -3.70
C GLY A 69 6.23 -28.36 -5.10
N GLU A 70 4.91 -28.32 -5.26
CA GLU A 70 4.25 -28.17 -6.55
C GLU A 70 3.38 -26.93 -6.62
N GLN A 71 2.64 -26.62 -5.57
CA GLN A 71 1.68 -25.53 -5.59
C GLN A 71 1.69 -24.78 -4.27
N VAL A 72 1.33 -23.51 -4.33
CA VAL A 72 1.10 -22.70 -3.15
C VAL A 72 -0.34 -22.94 -2.72
N ILE A 73 -0.53 -23.38 -1.47
CA ILE A 73 -1.84 -23.72 -0.95
C ILE A 73 -1.89 -23.31 0.53
N MET A 74 -3.08 -23.35 1.10
CA MET A 74 -3.17 -23.11 2.54
C MET A 74 -2.97 -24.42 3.29
N SER A 75 -2.54 -24.30 4.54
CA SER A 75 -2.37 -25.42 5.46
C SER A 75 -3.19 -25.16 6.72
N ASP A 76 -3.88 -26.20 7.22
CA ASP A 76 -4.64 -26.06 8.46
C ASP A 76 -3.76 -25.97 9.69
N ILE A 77 -2.49 -26.36 9.61
CA ILE A 77 -1.59 -26.38 10.75
C ILE A 77 -0.26 -25.73 10.37
N GLU A 78 0.45 -25.26 11.40
CA GLU A 78 1.78 -24.69 11.20
C GLU A 78 2.77 -25.84 11.09
N GLN A 79 3.05 -26.25 9.87
CA GLN A 79 4.04 -27.29 9.58
C GLN A 79 5.23 -26.63 8.90
N ASP A 80 6.29 -27.42 8.69
CA ASP A 80 7.56 -26.85 8.22
C ASP A 80 7.38 -26.10 6.90
N THR A 81 6.49 -26.58 6.02
CA THR A 81 6.27 -25.93 4.74
C THR A 81 5.55 -24.59 4.85
N THR A 82 5.10 -24.20 6.05
CA THR A 82 4.46 -22.90 6.25
C THR A 82 5.44 -21.83 6.68
N LEU A 83 6.75 -22.14 6.71
CA LEU A 83 7.75 -21.20 7.18
C LEU A 83 8.35 -20.45 6.00
N TRP A 84 8.43 -19.13 6.16
CA TRP A 84 8.95 -18.23 5.13
C TRP A 84 9.97 -17.28 5.74
N SER A 85 11.02 -16.96 4.99
CA SER A 85 11.94 -15.93 5.44
C SER A 85 11.78 -14.69 4.57
N LEU A 86 12.11 -13.54 5.15
CA LEU A 86 12.13 -12.27 4.43
C LEU A 86 13.54 -12.05 3.90
N GLU A 87 13.66 -11.87 2.58
CA GLU A 87 14.95 -11.64 1.96
C GLU A 87 14.90 -10.26 1.31
N GLU A 88 15.72 -9.34 1.83
CA GLU A 88 15.68 -7.98 1.34
C GLU A 88 16.05 -7.93 -0.13
N VAL A 89 15.39 -7.03 -0.87
CA VAL A 89 15.73 -6.76 -2.26
C VAL A 89 16.77 -5.64 -2.26
N PRO A 90 18.03 -5.93 -2.58
CA PRO A 90 19.06 -4.87 -2.49
C PRO A 90 18.72 -3.63 -3.29
N GLU A 91 18.18 -3.77 -4.49
CA GLU A 91 17.97 -2.63 -5.37
C GLU A 91 16.67 -1.88 -5.11
N ASP A 92 15.73 -2.43 -4.34
CA ASP A 92 14.41 -1.81 -4.15
C ASP A 92 14.11 -1.70 -2.66
N LYS A 93 14.46 -0.55 -2.08
CA LYS A 93 14.20 -0.29 -0.67
C LYS A 93 12.71 -0.47 -0.35
N GLY A 94 12.42 -1.18 0.74
CA GLY A 94 11.06 -1.42 1.18
C GLY A 94 10.45 -2.71 0.69
N PHE A 95 11.10 -3.43 -0.22
CA PHE A 95 10.55 -4.65 -0.79
C PHE A 95 11.36 -5.87 -0.34
N TYR A 96 10.67 -7.00 -0.24
CA TYR A 96 11.28 -8.27 0.16
C TYR A 96 10.83 -9.38 -0.78
N ARG A 97 11.70 -10.37 -0.96
CA ARG A 97 11.26 -11.67 -1.43
C ARG A 97 10.85 -12.51 -0.22
N LEU A 98 9.90 -13.41 -0.45
CA LEU A 98 9.40 -14.32 0.58
C LEU A 98 9.86 -15.72 0.20
N LEU A 99 10.80 -16.28 0.97
CA LEU A 99 11.49 -17.51 0.60
C LEU A 99 10.97 -18.67 1.46
N ASN A 100 10.38 -19.66 0.80
CA ASN A 100 9.92 -20.86 1.50
C ASN A 100 11.10 -21.66 2.02
N LYS A 101 11.09 -21.95 3.33
CA LYS A 101 12.26 -22.58 3.96
C LYS A 101 12.48 -23.98 3.43
N VAL A 102 11.44 -24.81 3.37
CA VAL A 102 11.63 -26.22 3.03
C VAL A 102 12.10 -26.38 1.59
N HIS A 103 11.45 -25.67 0.66
CA HIS A 103 11.70 -25.86 -0.77
C HIS A 103 12.61 -24.81 -1.38
N LYS A 104 13.02 -23.80 -0.63
CA LYS A 104 13.88 -22.72 -1.13
C LYS A 104 13.31 -22.13 -2.42
N ALA A 105 11.99 -21.89 -2.41
CA ALA A 105 11.28 -21.31 -3.55
C ALA A 105 10.66 -20.00 -3.11
N TYR A 106 10.71 -19.01 -4.00
CA TYR A 106 10.21 -17.66 -3.69
C TYR A 106 8.76 -17.53 -4.08
N LEU A 107 7.97 -16.86 -3.22
CA LEU A 107 6.58 -16.60 -3.57
C LEU A 107 6.51 -15.69 -4.79
N ASP A 108 5.65 -16.05 -5.74
CA ASP A 108 5.62 -15.47 -7.07
C ASP A 108 4.16 -15.44 -7.51
N TYR A 109 3.91 -14.97 -8.73
CA TYR A 109 2.53 -14.96 -9.21
C TYR A 109 2.52 -15.19 -10.73
N ASN A 110 1.35 -15.61 -11.21
CA ASN A 110 1.12 -15.86 -12.63
C ASN A 110 -0.37 -15.65 -12.86
N GLY A 111 -0.73 -14.59 -13.58
CA GLY A 111 -2.14 -14.23 -13.67
C GLY A 111 -2.72 -13.99 -12.29
N GLY A 112 -3.81 -14.69 -11.98
CA GLY A 112 -4.39 -14.60 -10.66
C GLY A 112 -3.92 -15.65 -9.69
N ASP A 113 -2.93 -16.46 -10.07
CA ASP A 113 -2.42 -17.54 -9.24
C ASP A 113 -1.19 -17.10 -8.44
N LEU A 114 -1.14 -17.53 -7.18
CA LEU A 114 0.14 -17.54 -6.47
C LEU A 114 0.90 -18.81 -6.83
N VAL A 115 2.19 -18.65 -7.11
CA VAL A 115 3.06 -19.76 -7.48
C VAL A 115 4.39 -19.53 -6.76
N ALA A 116 5.34 -20.46 -6.94
CA ALA A 116 6.65 -20.28 -6.34
C ALA A 116 7.72 -20.67 -7.34
N ASN A 117 8.87 -20.01 -7.24
CA ASN A 117 9.93 -20.12 -8.23
C ASN A 117 11.26 -20.10 -7.50
N LYS A 118 12.12 -21.11 -7.77
CA LYS A 118 13.44 -21.13 -7.15
C LYS A 118 14.39 -20.11 -7.75
N HIS A 119 14.13 -19.65 -8.98
CA HIS A 119 14.89 -18.55 -9.56
C HIS A 119 14.47 -17.23 -8.92
N GLN A 120 15.44 -16.32 -8.75
CA GLN A 120 15.11 -14.94 -8.40
C GLN A 120 14.66 -14.20 -9.66
N THR A 121 13.49 -13.55 -9.59
CA THR A 121 12.91 -12.86 -10.74
C THR A 121 12.27 -11.55 -10.30
N GLU A 122 11.85 -10.76 -11.30
CA GLU A 122 11.25 -9.46 -11.02
C GLU A 122 9.82 -9.55 -10.51
N SER A 123 9.18 -10.72 -10.57
CA SER A 123 7.79 -10.86 -10.13
C SER A 123 7.67 -11.29 -8.67
N GLU A 124 8.79 -11.35 -7.95
CA GLU A 124 8.83 -11.89 -6.60
C GLU A 124 8.99 -10.84 -5.52
N LYS A 125 8.89 -9.57 -5.86
CA LYS A 125 9.17 -8.49 -4.92
C LYS A 125 7.85 -8.03 -4.30
N TRP A 126 7.77 -8.13 -2.98
CA TRP A 126 6.56 -7.83 -2.24
C TRP A 126 6.81 -6.73 -1.22
N ILE A 127 5.79 -5.91 -0.98
CA ILE A 127 5.81 -4.99 0.15
C ILE A 127 4.68 -5.40 1.10
N LEU A 128 5.02 -5.58 2.37
CA LEU A 128 4.06 -6.03 3.37
C LEU A 128 3.78 -4.84 4.28
N PHE A 129 2.61 -4.23 4.13
CA PHE A 129 2.33 -2.99 4.86
C PHE A 129 1.18 -3.14 5.83
N LYS A 130 1.26 -2.38 6.92
CA LYS A 130 0.32 -2.49 8.01
C LYS A 130 -1.11 -2.26 7.54
N ALA A 131 -2.03 -3.13 7.94
CA ALA A 131 -3.41 -3.01 7.48
C ALA A 131 -4.18 -1.98 8.30
N TYR A 132 -3.93 -1.95 9.60
CA TYR A 132 -4.58 -1.01 10.50
C TYR A 132 -3.93 -1.12 11.86
N SER B 2 1.77 33.55 6.85
CA SER B 2 2.80 33.38 5.82
C SER B 2 3.98 32.57 6.35
N HIS B 3 4.93 32.27 5.46
CA HIS B 3 6.17 31.59 5.84
C HIS B 3 5.88 30.27 6.54
N MET B 4 4.86 29.56 6.07
CA MET B 4 4.51 28.27 6.65
C MET B 4 5.64 27.26 6.53
N SER B 5 5.73 26.37 7.52
CA SER B 5 6.68 25.28 7.53
C SER B 5 5.98 23.97 7.86
N SER B 6 6.69 22.89 7.58
CA SER B 6 6.23 21.53 7.85
CA SER B 6 6.24 21.53 7.89
C SER B 6 7.47 20.66 8.06
N VAL B 7 7.30 19.55 8.75
CA VAL B 7 8.43 18.66 9.03
C VAL B 7 8.04 17.25 8.59
N THR B 8 8.89 16.64 7.78
CA THR B 8 8.59 15.31 7.26
C THR B 8 8.58 14.28 8.38
N ILE B 9 7.53 13.47 8.37
CA ILE B 9 7.13 12.50 9.39
C ILE B 9 7.52 11.10 8.89
N GLY B 10 7.47 10.94 7.58
CA GLY B 10 7.76 9.64 6.97
C GLY B 10 7.56 9.72 5.47
N LYS B 11 7.96 8.66 4.80
CA LYS B 11 7.77 8.49 3.37
C LYS B 11 6.71 7.43 3.17
N CYS B 12 5.75 7.68 2.28
CA CYS B 12 4.62 6.77 2.19
C CYS B 12 4.05 6.69 0.79
N TYR B 13 3.43 5.54 0.50
CA TYR B 13 2.54 5.44 -0.63
C TYR B 13 1.14 5.86 -0.19
N ILE B 14 0.36 6.39 -1.12
CA ILE B 14 -0.98 6.89 -0.86
C ILE B 14 -1.90 6.14 -1.83
N GLN B 15 -2.59 5.12 -1.31
CA GLN B 15 -3.28 4.15 -2.15
C GLN B 15 -4.77 4.16 -1.87
N ASN B 16 -5.58 4.01 -2.92
CA ASN B 16 -7.02 4.10 -2.80
C ASN B 16 -7.65 2.74 -2.53
N ARG B 17 -8.59 2.72 -1.59
CA ARG B 17 -9.31 1.48 -1.29
C ARG B 17 -10.10 0.97 -2.49
N GLU B 18 -10.66 1.86 -3.31
CA GLU B 18 -11.66 1.42 -4.27
C GLU B 18 -11.06 0.75 -5.50
N ASN B 19 -9.86 1.16 -5.93
CA ASN B 19 -9.22 0.56 -7.09
C ASN B 19 -7.77 0.14 -6.88
N GLY B 20 -7.25 0.25 -5.65
CA GLY B 20 -5.86 -0.07 -5.38
C GLY B 20 -4.85 0.84 -6.03
N GLY B 21 -5.29 1.97 -6.61
CA GLY B 21 -4.38 2.86 -7.30
C GLY B 21 -3.61 3.79 -6.38
N ARG B 22 -2.40 4.15 -6.81
CA ARG B 22 -1.51 4.98 -6.02
C ARG B 22 -1.39 6.37 -6.64
N ALA B 23 -1.52 7.40 -5.80
CA ALA B 23 -1.24 8.77 -6.24
C ALA B 23 0.23 8.88 -6.63
N PHE B 24 0.51 9.62 -7.69
CA PHE B 24 1.89 9.82 -8.12
C PHE B 24 2.09 11.24 -8.63
N TYR B 25 3.34 11.70 -8.61
CA TYR B 25 3.71 12.96 -9.27
C TYR B 25 5.05 12.75 -9.95
N ASN B 26 5.06 12.82 -11.28
CA ASN B 26 6.27 12.73 -12.08
C ASN B 26 6.67 14.14 -12.53
N LEU B 27 7.78 14.64 -11.98
CA LEU B 27 8.22 16.00 -12.29
C LEU B 27 8.52 16.16 -13.78
N GLY B 28 9.22 15.21 -14.39
CA GLY B 28 9.66 15.37 -15.76
C GLY B 28 8.50 15.48 -16.75
N ARG B 29 7.43 14.72 -16.52
CA ARG B 29 6.27 14.78 -17.39
C ARG B 29 5.26 15.82 -16.93
N LYS B 30 5.52 16.50 -15.82
CA LYS B 30 4.55 17.39 -15.18
C LYS B 30 3.21 16.67 -15.02
N ASP B 31 3.28 15.44 -14.48
CA ASP B 31 2.14 14.53 -14.46
C ASP B 31 1.76 14.20 -13.02
N LEU B 32 0.57 14.62 -12.60
CA LEU B 32 -0.01 14.28 -11.31
C LEU B 32 -1.23 13.41 -11.56
N GLY B 33 -1.32 12.27 -10.87
CA GLY B 33 -2.44 11.38 -11.14
C GLY B 33 -2.49 10.21 -10.18
N ILE B 34 -3.28 9.20 -10.57
CA ILE B 34 -3.38 7.94 -9.85
C ILE B 34 -3.16 6.79 -10.83
N PHE B 35 -2.37 5.80 -10.43
CA PHE B 35 -2.01 4.69 -11.30
C PHE B 35 -2.24 3.36 -10.57
N THR B 36 -2.81 2.38 -11.27
CA THR B 36 -3.22 1.14 -10.62
C THR B 36 -2.33 -0.07 -10.86
N GLY B 37 -1.23 0.08 -11.61
CA GLY B 37 -0.38 -1.06 -11.90
C GLY B 37 0.92 -1.09 -11.12
N LYS B 38 2.04 -1.26 -11.83
CA LYS B 38 3.37 -1.33 -11.22
C LYS B 38 3.61 -0.22 -10.21
N MET B 39 4.34 -0.57 -9.15
CA MET B 39 4.79 0.39 -8.15
C MET B 39 6.08 1.05 -8.64
N TYR B 40 6.05 2.38 -8.73
CA TYR B 40 7.17 3.18 -9.17
C TYR B 40 7.58 4.17 -8.08
N ASP B 41 8.81 4.68 -8.21
CA ASP B 41 9.38 5.62 -7.23
C ASP B 41 8.58 6.91 -7.13
N ASP B 42 7.93 7.34 -8.20
CA ASP B 42 7.21 8.60 -8.13
C ASP B 42 5.86 8.46 -7.43
N GLN B 43 5.58 7.29 -6.87
CA GLN B 43 4.42 7.11 -6.00
C GLN B 43 4.78 7.26 -4.53
N ILE B 44 6.02 7.61 -4.20
CA ILE B 44 6.46 7.78 -2.82
C ILE B 44 6.38 9.26 -2.46
N TRP B 45 5.66 9.56 -1.38
CA TRP B 45 5.42 10.94 -0.94
C TRP B 45 6.05 11.18 0.42
N SER B 46 6.40 12.45 0.67
CA SER B 46 6.77 12.90 2.01
C SER B 46 5.49 13.30 2.74
N PHE B 47 5.23 12.63 3.86
CA PHE B 47 4.12 12.97 4.74
C PHE B 47 4.65 13.86 5.86
N GLN B 48 4.08 15.07 5.99
CA GLN B 48 4.70 16.12 6.80
C GLN B 48 3.69 16.68 7.80
N LYS B 49 4.12 16.83 9.05
CA LYS B 49 3.32 17.54 10.05
C LYS B 49 3.44 19.04 9.78
N SER B 50 2.30 19.69 9.50
CA SER B 50 2.38 21.12 9.24
C SER B 50 2.52 21.91 10.55
N ASP B 51 2.78 23.21 10.40
CA ASP B 51 2.86 24.08 11.56
C ASP B 51 1.50 24.43 12.13
N THR B 52 0.41 23.95 11.52
CA THR B 52 -0.94 24.21 12.00
C THR B 52 -1.46 22.95 12.68
N PRO B 53 -1.86 23.01 13.94
CA PRO B 53 -2.25 21.80 14.67
C PRO B 53 -3.32 21.00 13.95
N GLY B 54 -3.13 19.68 13.90
CA GLY B 54 -4.07 18.78 13.28
C GLY B 54 -4.03 18.70 11.77
N TYR B 55 -3.12 19.43 11.11
CA TYR B 55 -3.07 19.44 9.65
C TYR B 55 -1.70 18.99 9.16
N TYR B 56 -1.71 18.37 7.98
CA TYR B 56 -0.55 17.74 7.39
C TYR B 56 -0.37 18.25 5.97
N THR B 57 0.87 18.21 5.46
CA THR B 57 1.10 18.44 4.04
C THR B 57 1.66 17.16 3.41
N ILE B 58 1.52 17.10 2.09
CA ILE B 58 1.83 15.92 1.27
C ILE B 58 2.74 16.37 0.14
N GLY B 59 4.01 15.98 0.18
CA GLY B 59 5.02 16.56 -0.67
C GLY B 59 5.70 15.58 -1.61
N ARG B 60 6.10 16.06 -2.77
CA ARG B 60 7.00 15.36 -3.69
C ARG B 60 7.78 16.40 -4.48
N GLU B 61 9.05 16.11 -4.74
CA GLU B 61 9.87 16.94 -5.62
C GLU B 61 9.87 18.41 -5.17
N SER B 62 9.96 18.63 -3.86
CA SER B 62 10.00 19.94 -3.23
C SER B 62 8.71 20.74 -3.45
N LYS B 63 7.63 20.09 -3.87
CA LYS B 63 6.33 20.73 -4.02
C LYS B 63 5.33 20.09 -3.07
N PHE B 64 4.13 20.67 -3.02
CA PHE B 64 3.12 20.27 -2.05
C PHE B 64 1.78 20.04 -2.73
N LEU B 65 1.10 18.98 -2.34
CA LEU B 65 -0.23 18.70 -2.88
C LEU B 65 -1.24 19.77 -2.42
N GLN B 66 -1.96 20.33 -3.39
CA GLN B 66 -2.78 21.50 -3.17
C GLN B 66 -4.13 21.31 -3.82
N TYR B 67 -5.18 21.84 -3.21
CA TYR B 67 -6.46 22.01 -3.89
C TYR B 67 -6.81 23.49 -3.87
N ASN B 68 -7.08 24.06 -5.06
CA ASN B 68 -7.27 25.50 -5.18
C ASN B 68 -8.73 25.88 -5.37
N GLY B 69 -9.66 24.96 -5.13
CA GLY B 69 -11.06 25.15 -5.40
C GLY B 69 -11.51 24.70 -6.77
N GLU B 70 -10.59 24.50 -7.70
CA GLU B 70 -10.90 24.06 -9.06
C GLU B 70 -10.20 22.76 -9.43
N GLN B 71 -8.92 22.61 -9.10
CA GLN B 71 -8.26 21.35 -9.37
C GLN B 71 -7.22 21.04 -8.32
N VAL B 72 -6.86 19.76 -8.24
CA VAL B 72 -5.75 19.31 -7.43
C VAL B 72 -4.47 19.49 -8.24
N ILE B 73 -3.47 20.16 -7.66
CA ILE B 73 -2.23 20.49 -8.32
C ILE B 73 -1.11 20.42 -7.30
N MET B 74 0.13 20.49 -7.79
CA MET B 74 1.30 20.62 -6.94
C MET B 74 1.70 22.09 -6.84
N SER B 75 1.91 22.56 -5.61
CA SER B 75 2.31 23.94 -5.33
C SER B 75 3.79 24.02 -4.99
N ASP B 76 4.48 25.03 -5.54
CA ASP B 76 5.88 25.25 -5.17
C ASP B 76 6.03 25.72 -3.73
N ILE B 77 4.99 26.33 -3.15
CA ILE B 77 5.06 26.96 -1.84
C ILE B 77 3.99 26.34 -0.95
N GLU B 78 4.32 26.14 0.33
CA GLU B 78 3.34 25.67 1.30
C GLU B 78 2.37 26.81 1.61
N GLN B 79 1.14 26.69 1.13
CA GLN B 79 0.08 27.66 1.37
C GLN B 79 -1.00 27.03 2.24
N ASP B 80 -1.95 27.85 2.67
CA ASP B 80 -3.02 27.29 3.48
C ASP B 80 -3.78 26.20 2.73
N THR B 81 -3.84 26.30 1.40
CA THR B 81 -4.52 25.32 0.56
C THR B 81 -3.73 24.02 0.37
N THR B 82 -2.55 23.91 0.96
CA THR B 82 -1.81 22.66 0.99
C THR B 82 -2.00 21.91 2.29
N LEU B 83 -2.87 22.38 3.16
CA LEU B 83 -3.15 21.70 4.43
C LEU B 83 -4.27 20.70 4.25
N TRP B 84 -4.06 19.49 4.78
CA TRP B 84 -5.03 18.40 4.73
C TRP B 84 -5.14 17.81 6.12
N SER B 85 -6.35 17.44 6.51
CA SER B 85 -6.52 16.67 7.73
C SER B 85 -6.88 15.24 7.38
N LEU B 86 -6.53 14.33 8.29
CA LEU B 86 -6.85 12.92 8.16
CA LEU B 86 -6.86 12.93 8.14
C LEU B 86 -8.17 12.65 8.88
N GLU B 87 -9.17 12.18 8.15
CA GLU B 87 -10.48 11.86 8.71
C GLU B 87 -10.64 10.35 8.67
N GLU B 88 -10.61 9.72 9.83
CA GLU B 88 -10.65 8.27 9.85
C GLU B 88 -12.00 7.78 9.32
N VAL B 89 -11.96 6.67 8.58
CA VAL B 89 -13.16 6.05 8.05
C VAL B 89 -13.63 5.03 9.08
N PRO B 90 -14.74 5.26 9.79
CA PRO B 90 -15.11 4.36 10.89
C PRO B 90 -15.29 2.92 10.46
N GLU B 91 -15.89 2.69 9.31
CA GLU B 91 -16.21 1.35 8.84
C GLU B 91 -15.04 0.61 8.22
N ASP B 92 -13.92 1.29 7.96
CA ASP B 92 -12.76 0.69 7.29
C ASP B 92 -11.50 1.05 8.07
N LYS B 93 -11.20 0.26 9.09
CA LYS B 93 -10.01 0.51 9.90
C LYS B 93 -8.77 0.55 9.02
N GLY B 94 -7.92 1.54 9.28
CA GLY B 94 -6.71 1.74 8.52
C GLY B 94 -6.83 2.73 7.38
N PHE B 95 -8.04 3.14 7.02
CA PHE B 95 -8.25 4.06 5.92
C PHE B 95 -8.66 5.44 6.43
N TYR B 96 -8.30 6.45 5.63
CA TYR B 96 -8.60 7.84 5.93
C TYR B 96 -9.16 8.53 4.71
N ARG B 97 -10.05 9.49 4.95
CA ARG B 97 -10.28 10.52 3.95
C ARG B 97 -9.30 11.66 4.19
N LEU B 98 -8.91 12.33 3.12
CA LEU B 98 -7.98 13.45 3.19
C LEU B 98 -8.78 14.71 2.86
N LEU B 99 -8.97 15.55 3.86
CA LEU B 99 -9.90 16.69 3.78
C LEU B 99 -9.11 17.98 3.66
N ASN B 100 -9.30 18.69 2.55
CA ASN B 100 -8.63 19.96 2.34
C ASN B 100 -9.16 21.02 3.32
N LYS B 101 -8.25 21.69 4.03
CA LYS B 101 -8.67 22.60 5.10
C LYS B 101 -9.45 23.79 4.55
N VAL B 102 -8.92 24.45 3.52
CA VAL B 102 -9.51 25.69 3.04
C VAL B 102 -10.87 25.42 2.42
N HIS B 103 -10.97 24.37 1.62
CA HIS B 103 -12.16 24.15 0.81
C HIS B 103 -13.07 23.05 1.32
N LYS B 104 -12.67 22.33 2.37
CA LYS B 104 -13.47 21.25 2.94
C LYS B 104 -13.91 20.27 1.84
N ALA B 105 -12.96 19.90 0.98
CA ALA B 105 -13.19 18.95 -0.09
C ALA B 105 -12.25 17.77 0.08
N TYR B 106 -12.76 16.56 -0.16
CA TYR B 106 -12.00 15.32 0.06
C TYR B 106 -11.25 14.90 -1.21
N LEU B 107 -9.98 14.52 -1.03
CA LEU B 107 -9.20 13.99 -2.15
C LEU B 107 -9.87 12.74 -2.72
N ASP B 108 -10.03 12.72 -4.04
CA ASP B 108 -10.79 11.69 -4.74
C ASP B 108 -10.08 11.46 -6.07
N TYR B 109 -10.67 10.62 -6.92
CA TYR B 109 -10.11 10.44 -8.26
C TYR B 109 -11.24 10.36 -9.27
N ASN B 110 -10.89 10.66 -10.52
CA ASN B 110 -11.77 10.48 -11.66
C ASN B 110 -10.92 10.00 -12.82
N GLY B 111 -11.09 8.73 -13.22
CA GLY B 111 -10.16 8.18 -14.19
C GLY B 111 -8.77 8.17 -13.61
N GLY B 112 -7.81 8.69 -14.37
CA GLY B 112 -6.45 8.83 -13.88
C GLY B 112 -6.14 10.11 -13.15
N ASP B 113 -7.12 11.00 -12.97
CA ASP B 113 -6.90 12.31 -12.37
C ASP B 113 -7.22 12.31 -10.89
N LEU B 114 -6.43 13.05 -10.11
CA LEU B 114 -6.82 13.40 -8.75
C LEU B 114 -7.77 14.59 -8.78
N VAL B 115 -8.83 14.50 -7.98
CA VAL B 115 -9.84 15.55 -7.86
C VAL B 115 -10.20 15.70 -6.39
N ALA B 116 -11.12 16.62 -6.10
CA ALA B 116 -11.59 16.81 -4.73
C ALA B 116 -13.09 16.98 -4.75
N ASN B 117 -13.78 16.40 -3.75
CA ASN B 117 -15.23 16.40 -3.70
C ASN B 117 -15.71 16.73 -2.30
N LYS B 118 -16.74 17.58 -2.21
CA LYS B 118 -17.29 17.95 -0.91
C LYS B 118 -18.17 16.85 -0.33
N HIS B 119 -18.89 16.12 -1.17
CA HIS B 119 -19.69 14.98 -0.71
C HIS B 119 -18.78 13.81 -0.40
N GLN B 120 -19.13 13.04 0.63
CA GLN B 120 -18.40 11.81 0.91
C GLN B 120 -18.79 10.72 -0.09
N THR B 121 -17.79 10.01 -0.62
CA THR B 121 -17.98 8.94 -1.59
C THR B 121 -17.04 7.80 -1.26
N GLU B 122 -17.23 6.68 -1.95
CA GLU B 122 -16.45 5.47 -1.68
C GLU B 122 -15.02 5.56 -2.21
N SER B 123 -14.76 6.39 -3.23
CA SER B 123 -13.43 6.52 -3.80
C SER B 123 -12.56 7.59 -3.11
N GLU B 124 -12.98 8.08 -1.95
CA GLU B 124 -12.20 9.01 -1.15
C GLU B 124 -11.41 8.34 -0.04
N LYS B 125 -11.41 7.00 0.02
CA LYS B 125 -10.79 6.27 1.13
C LYS B 125 -9.38 5.87 0.74
N TRP B 126 -8.40 6.33 1.51
CA TRP B 126 -6.98 6.10 1.22
C TRP B 126 -6.30 5.41 2.39
N ILE B 127 -5.31 4.59 2.05
CA ILE B 127 -4.39 4.03 3.03
C ILE B 127 -3.01 4.58 2.70
N LEU B 128 -2.37 5.20 3.68
CA LEU B 128 -1.07 5.82 3.53
C LEU B 128 -0.08 4.94 4.27
N PHE B 129 0.69 4.15 3.53
CA PHE B 129 1.54 3.16 4.17
C PHE B 129 3.02 3.45 3.94
N LYS B 130 3.83 3.06 4.92
CA LYS B 130 5.26 3.32 4.92
C LYS B 130 5.92 2.75 3.67
N ALA B 131 6.72 3.58 2.98
CA ALA B 131 7.41 3.11 1.78
C ALA B 131 8.65 2.29 2.10
N TYR B 132 9.32 2.57 3.21
CA TYR B 132 10.59 1.94 3.57
C TYR B 132 10.53 1.23 4.91
#